data_1V6T
#
_entry.id   1V6T
#
_cell.length_a   65.366
_cell.length_b   74.288
_cell.length_c   105.559
_cell.angle_alpha   90.00
_cell.angle_beta   90.00
_cell.angle_gamma   90.00
#
_symmetry.space_group_name_H-M   'I 2 2 2'
#
loop_
_entity.id
_entity.type
_entity.pdbx_description
1 polymer 'Hypothetical UPF0271 protein PH0986'
2 water water
#
_entity_poly.entity_id   1
_entity_poly.type   'polypeptide(L)'
_entity_poly.pdbx_seq_one_letter_code
;MRVDLNSDLGESFGRYKLGLDEEVMKYITSANVACGWHAGDPLVMRKTVRLAKENDVQVGAHPGYPDLMGFGRRYMKLTP
EEARNYILYQVGALYAFAKAEGLELQHVKPHGALYNAMVKEEDLARAVIEGILDFDKDLILVTLSNSRVADIAEEMGLKV
AHEVFADRAYNPDGTLVPRGRPGAVIEDKEEIAERVISMVKDGGIRAINGEWVDLKVDTICVHGDNPKAVEITSYIRKVL
EEEGVKIVPMKEFIR
;
_entity_poly.pdbx_strand_id   A
#
# COMPACT_ATOMS: atom_id res chain seq x y z
N MET A 1 -18.48 -5.11 -9.21
CA MET A 1 -17.21 -4.36 -8.95
C MET A 1 -16.86 -4.40 -7.48
N ARG A 2 -15.60 -4.70 -7.18
CA ARG A 2 -15.14 -4.74 -5.80
C ARG A 2 -13.75 -4.10 -5.75
N VAL A 3 -13.44 -3.44 -4.65
CA VAL A 3 -12.13 -2.82 -4.53
C VAL A 3 -11.78 -2.57 -3.07
N ASP A 4 -10.49 -2.55 -2.80
CA ASP A 4 -9.97 -2.30 -1.46
C ASP A 4 -9.37 -0.90 -1.46
N LEU A 5 -9.45 -0.23 -0.32
CA LEU A 5 -8.87 1.10 -0.18
C LEU A 5 -7.78 0.96 0.88
N ASN A 6 -6.52 1.19 0.49
CA ASN A 6 -5.41 1.07 1.43
C ASN A 6 -4.76 2.43 1.66
N SER A 7 -4.13 2.60 2.82
CA SER A 7 -3.44 3.85 3.10
C SER A 7 -2.24 3.56 3.99
N ASP A 8 -1.16 4.30 3.78
CA ASP A 8 0.05 4.14 4.58
C ASP A 8 -0.19 4.88 5.89
N LEU A 9 -0.21 4.14 7.00
CA LEU A 9 -0.45 4.75 8.30
C LEU A 9 0.67 4.46 9.29
N GLY A 10 0.57 5.05 10.48
CA GLY A 10 1.59 4.85 11.49
C GLY A 10 2.93 5.38 11.01
N GLU A 11 2.91 6.45 10.22
CA GLU A 11 4.14 7.01 9.68
C GLU A 11 4.74 8.07 10.58
N SER A 12 4.13 8.28 11.74
CA SER A 12 4.65 9.22 12.71
C SER A 12 5.90 8.57 13.30
N PHE A 13 6.65 9.33 14.08
CA PHE A 13 7.85 8.79 14.72
C PHE A 13 8.21 9.67 15.90
N GLY A 14 8.45 9.03 17.05
CA GLY A 14 8.82 9.75 18.24
C GLY A 14 7.89 10.91 18.55
N ARG A 15 8.47 12.11 18.56
CA ARG A 15 7.79 13.36 18.83
C ARG A 15 6.92 13.87 17.68
N TYR A 16 7.22 13.40 16.48
CA TYR A 16 6.54 13.86 15.28
C TYR A 16 5.25 13.14 14.87
N LYS A 17 4.18 13.91 14.75
CA LYS A 17 2.88 13.37 14.33
C LYS A 17 2.75 13.61 12.84
N LEU A 18 2.53 12.55 12.08
CA LEU A 18 2.37 12.68 10.64
C LEU A 18 1.04 12.08 10.21
N GLY A 19 0.28 12.85 9.44
CA GLY A 19 -1.01 12.38 8.97
C GLY A 19 -2.14 12.51 9.97
N LEU A 20 -3.32 12.04 9.58
CA LEU A 20 -4.52 12.07 10.41
C LEU A 20 -5.08 10.65 10.39
N ASP A 21 -4.31 9.72 10.94
CA ASP A 21 -4.66 8.31 10.96
C ASP A 21 -6.06 7.93 11.44
N GLU A 22 -6.45 8.41 12.62
CA GLU A 22 -7.77 8.06 13.15
C GLU A 22 -8.90 8.52 12.23
N GLU A 23 -8.72 9.68 11.62
CA GLU A 23 -9.74 10.22 10.73
C GLU A 23 -9.87 9.42 9.43
N VAL A 24 -8.75 9.16 8.78
CA VAL A 24 -8.80 8.43 7.52
C VAL A 24 -9.12 6.95 7.72
N MET A 25 -8.90 6.46 8.94
CA MET A 25 -9.17 5.06 9.26
C MET A 25 -10.67 4.76 9.14
N LYS A 26 -11.47 5.81 9.12
CA LYS A 26 -12.92 5.68 9.02
C LYS A 26 -13.41 5.40 7.60
N TYR A 27 -12.53 5.54 6.62
CA TYR A 27 -12.91 5.34 5.23
C TYR A 27 -12.23 4.19 4.50
N ILE A 28 -11.10 3.73 5.01
CA ILE A 28 -10.35 2.67 4.34
C ILE A 28 -10.69 1.26 4.81
N THR A 29 -10.18 0.28 4.08
CA THR A 29 -10.40 -1.13 4.41
C THR A 29 -9.08 -1.77 4.84
N SER A 30 -7.96 -1.21 4.40
CA SER A 30 -6.64 -1.75 4.73
C SER A 30 -5.61 -0.67 5.08
N ALA A 31 -4.85 -0.91 6.15
CA ALA A 31 -3.83 0.02 6.59
C ALA A 31 -2.45 -0.60 6.42
N ASN A 32 -1.50 0.16 5.88
CA ASN A 32 -0.13 -0.33 5.70
C ASN A 32 0.65 0.38 6.80
N VAL A 33 0.97 -0.35 7.85
CA VAL A 33 1.65 0.21 9.02
C VAL A 33 3.18 0.16 8.95
N ALA A 34 3.81 1.31 9.13
CA ALA A 34 5.28 1.39 9.11
C ALA A 34 5.84 0.51 10.22
N CYS A 35 7.04 -0.03 9.99
CA CYS A 35 7.65 -0.96 10.94
C CYS A 35 8.85 -0.48 11.75
N GLY A 36 9.05 0.83 11.83
CA GLY A 36 10.15 1.38 12.61
C GLY A 36 11.48 1.57 11.91
N TRP A 37 11.55 1.22 10.63
CA TRP A 37 12.80 1.38 9.89
C TRP A 37 12.86 2.68 9.10
N HIS A 38 11.81 2.99 8.35
CA HIS A 38 11.79 4.22 7.57
C HIS A 38 10.90 5.25 8.27
N ALA A 39 10.09 4.75 9.20
CA ALA A 39 9.17 5.59 9.96
C ALA A 39 8.51 4.68 10.98
N GLY A 40 7.72 5.29 11.88
CA GLY A 40 7.04 4.53 12.92
C GLY A 40 7.97 4.13 14.06
N ASP A 41 7.37 3.69 15.16
CA ASP A 41 8.10 3.21 16.33
C ASP A 41 7.11 2.33 17.12
N PRO A 42 7.58 1.62 18.15
CA PRO A 42 6.68 0.75 18.92
C PRO A 42 5.37 1.37 19.41
N LEU A 43 5.43 2.58 19.95
CA LEU A 43 4.22 3.23 20.44
C LEU A 43 3.26 3.56 19.29
N VAL A 44 3.82 4.05 18.18
CA VAL A 44 3.00 4.40 17.03
C VAL A 44 2.39 3.14 16.43
N MET A 45 3.15 2.06 16.42
CA MET A 45 2.67 0.80 15.88
C MET A 45 1.51 0.27 16.72
N ARG A 46 1.68 0.26 18.04
CA ARG A 46 0.60 -0.23 18.92
C ARG A 46 -0.67 0.60 18.74
N LYS A 47 -0.51 1.91 18.75
CA LYS A 47 -1.63 2.83 18.59
C LYS A 47 -2.36 2.65 17.25
N THR A 48 -1.58 2.51 16.18
CA THR A 48 -2.17 2.34 14.85
C THR A 48 -2.92 1.03 14.73
N VAL A 49 -2.37 -0.04 15.29
CA VAL A 49 -3.03 -1.34 15.23
C VAL A 49 -4.30 -1.30 16.07
N ARG A 50 -4.25 -0.61 17.21
CA ARG A 50 -5.43 -0.49 18.06
C ARG A 50 -6.52 0.27 17.29
N LEU A 51 -6.13 1.35 16.61
CA LEU A 51 -7.09 2.12 15.85
C LEU A 51 -7.70 1.29 14.73
N ALA A 52 -6.88 0.48 14.06
CA ALA A 52 -7.38 -0.36 12.99
C ALA A 52 -8.43 -1.32 13.54
N LYS A 53 -8.12 -1.93 14.68
CA LYS A 53 -9.05 -2.87 15.32
C LYS A 53 -10.40 -2.21 15.60
N GLU A 54 -10.35 -1.00 16.16
CA GLU A 54 -11.56 -0.27 16.50
C GLU A 54 -12.37 0.19 15.29
N ASN A 55 -11.70 0.34 14.16
CA ASN A 55 -12.37 0.76 12.93
C ASN A 55 -12.59 -0.38 11.94
N ASP A 56 -12.36 -1.61 12.40
CA ASP A 56 -12.54 -2.79 11.57
C ASP A 56 -11.74 -2.68 10.26
N VAL A 57 -10.49 -2.25 10.38
CA VAL A 57 -9.59 -2.10 9.24
C VAL A 57 -8.53 -3.18 9.31
N GLN A 58 -8.19 -3.76 8.16
CA GLN A 58 -7.19 -4.81 8.12
C GLN A 58 -5.79 -4.23 8.23
N VAL A 59 -4.92 -4.93 8.93
CA VAL A 59 -3.54 -4.46 9.13
C VAL A 59 -2.55 -5.25 8.28
N GLY A 60 -1.65 -4.50 7.64
CA GLY A 60 -0.62 -5.13 6.83
C GLY A 60 0.67 -4.40 7.14
N ALA A 61 1.80 -5.03 6.82
CA ALA A 61 3.11 -4.43 7.09
C ALA A 61 3.55 -3.51 5.95
N HIS A 62 4.22 -2.40 6.30
CA HIS A 62 4.71 -1.43 5.33
C HIS A 62 6.20 -1.28 5.62
N PRO A 63 6.99 -2.32 5.28
CA PRO A 63 8.44 -2.31 5.51
C PRO A 63 9.18 -1.38 4.56
N GLY A 64 10.33 -0.89 4.99
CA GLY A 64 11.11 0.00 4.14
C GLY A 64 12.58 -0.16 4.40
N TYR A 65 13.38 0.67 3.75
CA TYR A 65 14.83 0.64 3.92
C TYR A 65 15.17 1.20 5.30
N PRO A 66 16.34 0.81 5.84
CA PRO A 66 16.78 1.30 7.15
C PRO A 66 17.35 2.71 6.94
N ASP A 67 16.44 3.66 6.74
CA ASP A 67 16.82 5.05 6.49
C ASP A 67 15.73 5.99 6.98
N LEU A 68 15.74 6.27 8.29
CA LEU A 68 14.77 7.16 8.90
C LEU A 68 14.90 8.58 8.37
N MET A 69 16.14 9.04 8.30
CA MET A 69 16.47 10.38 7.83
C MET A 69 15.83 10.63 6.46
N GLY A 70 15.87 9.62 5.58
CA GLY A 70 15.31 9.77 4.25
C GLY A 70 13.89 9.26 4.09
N PHE A 71 13.25 8.88 5.19
CA PHE A 71 11.88 8.38 5.16
C PHE A 71 11.74 7.21 4.19
N GLY A 72 12.81 6.44 4.04
CA GLY A 72 12.77 5.29 3.14
C GLY A 72 12.54 5.63 1.68
N ARG A 73 12.78 6.88 1.30
CA ARG A 73 12.58 7.28 -0.09
C ARG A 73 13.87 7.32 -0.89
N ARG A 74 14.93 6.70 -0.36
CA ARG A 74 16.21 6.68 -1.05
C ARG A 74 16.68 5.24 -1.29
N TYR A 75 17.09 4.96 -2.51
CA TYR A 75 17.58 3.64 -2.86
C TYR A 75 18.82 3.25 -2.07
N MET A 76 18.83 2.02 -1.58
CA MET A 76 19.96 1.47 -0.85
C MET A 76 20.24 0.12 -1.50
N LYS A 77 21.47 -0.12 -1.90
CA LYS A 77 21.81 -1.39 -2.54
C LYS A 77 21.94 -2.50 -1.52
N LEU A 78 21.03 -3.47 -1.60
CA LEU A 78 21.03 -4.60 -0.68
C LEU A 78 21.24 -5.90 -1.45
N THR A 79 21.84 -6.88 -0.78
CA THR A 79 22.04 -8.19 -1.40
C THR A 79 20.68 -8.85 -1.25
N PRO A 80 20.40 -9.88 -2.06
CA PRO A 80 19.11 -10.56 -1.96
C PRO A 80 18.83 -11.09 -0.56
N GLU A 81 19.83 -11.67 0.09
CA GLU A 81 19.60 -12.21 1.43
C GLU A 81 19.41 -11.10 2.46
N GLU A 82 20.01 -9.94 2.21
CA GLU A 82 19.82 -8.82 3.12
C GLU A 82 18.37 -8.35 3.02
N ALA A 83 17.90 -8.13 1.79
CA ALA A 83 16.53 -7.69 1.56
C ALA A 83 15.53 -8.67 2.13
N ARG A 84 15.79 -9.96 1.92
CA ARG A 84 14.92 -11.03 2.42
C ARG A 84 14.75 -10.94 3.94
N ASN A 85 15.87 -10.87 4.65
CA ASN A 85 15.82 -10.82 6.10
C ASN A 85 15.42 -9.48 6.70
N TYR A 86 15.66 -8.40 5.95
CA TYR A 86 15.27 -7.08 6.43
C TYR A 86 13.74 -7.00 6.40
N ILE A 87 13.14 -7.60 5.38
CA ILE A 87 11.68 -7.62 5.25
C ILE A 87 11.12 -8.50 6.37
N LEU A 88 11.73 -9.67 6.55
CA LEU A 88 11.29 -10.62 7.58
C LEU A 88 11.28 -9.97 8.96
N TYR A 89 12.35 -9.27 9.29
CA TYR A 89 12.47 -8.59 10.59
C TYR A 89 11.30 -7.62 10.81
N GLN A 90 11.03 -6.76 9.83
CA GLN A 90 9.96 -5.78 9.98
C GLN A 90 8.57 -6.40 10.05
N VAL A 91 8.35 -7.47 9.28
CA VAL A 91 7.05 -8.12 9.31
C VAL A 91 6.82 -8.72 10.71
N GLY A 92 7.86 -9.35 11.25
CA GLY A 92 7.74 -9.93 12.59
C GLY A 92 7.47 -8.87 13.63
N ALA A 93 8.17 -7.74 13.55
CA ALA A 93 7.97 -6.67 14.51
C ALA A 93 6.52 -6.21 14.51
N LEU A 94 5.95 -5.97 13.33
CA LEU A 94 4.56 -5.53 13.28
C LEU A 94 3.60 -6.64 13.70
N TYR A 95 3.92 -7.87 13.35
CA TYR A 95 3.07 -9.00 13.72
C TYR A 95 2.82 -9.04 15.23
N ALA A 96 3.84 -8.72 16.01
CA ALA A 96 3.70 -8.74 17.46
C ALA A 96 2.57 -7.82 17.91
N PHE A 97 2.44 -6.67 17.26
CA PHE A 97 1.40 -5.70 17.62
C PHE A 97 0.01 -6.16 17.17
N ALA A 98 -0.06 -6.79 16.00
CA ALA A 98 -1.33 -7.31 15.51
C ALA A 98 -1.80 -8.39 16.50
N LYS A 99 -0.87 -9.27 16.86
CA LYS A 99 -1.14 -10.35 17.81
C LYS A 99 -1.60 -9.80 19.16
N ALA A 100 -0.91 -8.78 19.64
CA ALA A 100 -1.24 -8.16 20.92
C ALA A 100 -2.67 -7.61 20.93
N GLU A 101 -3.17 -7.23 19.76
CA GLU A 101 -4.52 -6.69 19.64
C GLU A 101 -5.53 -7.70 19.10
N GLY A 102 -5.12 -8.96 19.04
CA GLY A 102 -6.02 -10.01 18.55
C GLY A 102 -6.33 -9.96 17.07
N LEU A 103 -5.42 -9.39 16.28
CA LEU A 103 -5.61 -9.31 14.85
C LEU A 103 -4.57 -10.14 14.11
N GLU A 104 -4.86 -10.43 12.84
CA GLU A 104 -3.95 -11.21 12.00
C GLU A 104 -3.48 -10.28 10.89
N LEU A 105 -2.23 -10.42 10.47
CA LEU A 105 -1.71 -9.58 9.38
C LEU A 105 -2.33 -10.05 8.08
N GLN A 106 -2.74 -9.11 7.24
CA GLN A 106 -3.36 -9.43 5.97
C GLN A 106 -2.42 -9.34 4.78
N HIS A 107 -1.59 -8.31 4.77
CA HIS A 107 -0.70 -8.08 3.63
C HIS A 107 0.63 -7.44 3.98
N VAL A 108 1.42 -7.22 2.92
CA VAL A 108 2.73 -6.58 3.01
C VAL A 108 2.85 -5.68 1.80
N LYS A 109 3.04 -4.39 2.05
CA LYS A 109 3.20 -3.42 0.97
C LYS A 109 4.50 -2.67 1.22
N PRO A 110 5.54 -2.92 0.40
CA PRO A 110 6.82 -2.24 0.58
C PRO A 110 6.65 -0.73 0.46
N HIS A 111 7.51 0.01 1.15
CA HIS A 111 7.44 1.48 1.15
C HIS A 111 8.43 2.20 0.25
N GLY A 112 7.99 3.35 -0.25
CA GLY A 112 8.82 4.22 -1.08
C GLY A 112 9.83 3.64 -2.05
N ALA A 113 11.10 3.99 -1.83
CA ALA A 113 12.17 3.53 -2.71
C ALA A 113 12.29 2.03 -2.85
N LEU A 114 11.92 1.28 -1.81
CA LEU A 114 11.98 -0.17 -1.86
C LEU A 114 10.92 -0.67 -2.84
N TYR A 115 9.73 -0.07 -2.76
CA TYR A 115 8.61 -0.42 -3.64
C TYR A 115 9.05 -0.16 -5.07
N ASN A 116 9.60 1.03 -5.32
CA ASN A 116 10.05 1.39 -6.66
C ASN A 116 11.19 0.52 -7.17
N ALA A 117 12.13 0.18 -6.29
CA ALA A 117 13.27 -0.65 -6.69
C ALA A 117 12.83 -2.06 -7.07
N MET A 118 11.81 -2.58 -6.38
CA MET A 118 11.32 -3.92 -6.68
C MET A 118 10.74 -3.97 -8.08
N VAL A 119 10.08 -2.88 -8.48
CA VAL A 119 9.50 -2.82 -9.82
C VAL A 119 10.59 -2.84 -10.88
N LYS A 120 11.74 -2.25 -10.57
CA LYS A 120 12.87 -2.16 -11.50
C LYS A 120 13.87 -3.32 -11.46
N GLU A 121 13.97 -3.99 -10.32
CA GLU A 121 14.93 -5.08 -10.18
C GLU A 121 14.26 -6.39 -9.77
N GLU A 122 14.15 -7.31 -10.72
CA GLU A 122 13.50 -8.58 -10.47
C GLU A 122 14.13 -9.41 -9.34
N ASP A 123 15.46 -9.33 -9.20
CA ASP A 123 16.12 -10.09 -8.14
C ASP A 123 15.74 -9.55 -6.77
N LEU A 124 15.57 -8.23 -6.67
CA LEU A 124 15.17 -7.62 -5.40
C LEU A 124 13.71 -7.97 -5.10
N ALA A 125 12.85 -7.92 -6.12
CA ALA A 125 11.45 -8.27 -5.92
C ALA A 125 11.35 -9.70 -5.40
N ARG A 126 12.14 -10.59 -5.98
CA ARG A 126 12.14 -11.99 -5.57
C ARG A 126 12.61 -12.16 -4.11
N ALA A 127 13.64 -11.41 -3.72
CA ALA A 127 14.17 -11.46 -2.36
C ALA A 127 13.12 -11.03 -1.34
N VAL A 128 12.39 -9.97 -1.66
CA VAL A 128 11.34 -9.48 -0.77
C VAL A 128 10.24 -10.52 -0.65
N ILE A 129 9.81 -11.07 -1.79
CA ILE A 129 8.77 -12.09 -1.77
C ILE A 129 9.22 -13.31 -0.96
N GLU A 130 10.50 -13.66 -1.06
CA GLU A 130 11.01 -14.81 -0.33
C GLU A 130 10.93 -14.53 1.17
N GLY A 131 11.19 -13.29 1.56
CA GLY A 131 11.13 -12.92 2.96
C GLY A 131 9.70 -13.03 3.49
N ILE A 132 8.74 -12.65 2.67
CA ILE A 132 7.33 -12.74 3.05
C ILE A 132 6.95 -14.21 3.19
N LEU A 133 7.36 -15.02 2.21
CA LEU A 133 7.07 -16.45 2.24
C LEU A 133 7.69 -17.09 3.48
N ASP A 134 8.83 -16.58 3.92
CA ASP A 134 9.51 -17.11 5.11
C ASP A 134 8.60 -16.98 6.34
N PHE A 135 7.85 -15.89 6.39
CA PHE A 135 6.97 -15.64 7.54
C PHE A 135 5.59 -16.28 7.48
N ASP A 136 4.87 -16.06 6.37
CA ASP A 136 3.52 -16.61 6.23
C ASP A 136 3.16 -16.60 4.75
N LYS A 137 3.06 -17.79 4.17
CA LYS A 137 2.74 -17.93 2.76
C LYS A 137 1.34 -17.47 2.41
N ASP A 138 0.55 -17.10 3.42
CA ASP A 138 -0.82 -16.65 3.19
C ASP A 138 -0.90 -15.13 3.06
N LEU A 139 0.19 -14.44 3.34
CA LEU A 139 0.20 -12.98 3.24
C LEU A 139 0.05 -12.51 1.80
N ILE A 140 -0.62 -11.39 1.61
CA ILE A 140 -0.84 -10.82 0.28
C ILE A 140 0.16 -9.70 0.03
N LEU A 141 0.85 -9.76 -1.12
CA LEU A 141 1.78 -8.71 -1.48
C LEU A 141 1.04 -7.65 -2.28
N VAL A 142 1.23 -6.39 -1.91
CA VAL A 142 0.61 -5.29 -2.64
C VAL A 142 1.70 -4.71 -3.53
N THR A 143 1.47 -4.71 -4.84
CA THR A 143 2.47 -4.16 -5.74
C THR A 143 1.82 -3.42 -6.91
N LEU A 144 2.64 -2.81 -7.75
CA LEU A 144 2.17 -2.05 -8.90
C LEU A 144 1.33 -2.89 -9.85
N SER A 145 0.13 -2.41 -10.15
CA SER A 145 -0.76 -3.15 -11.06
C SER A 145 -0.10 -3.58 -12.36
N ASN A 146 -0.31 -4.84 -12.72
CA ASN A 146 0.22 -5.44 -13.94
C ASN A 146 1.73 -5.44 -14.09
N SER A 147 2.45 -5.18 -13.00
CA SER A 147 3.90 -5.15 -13.04
C SER A 147 4.48 -6.56 -13.05
N ARG A 148 5.76 -6.65 -13.37
CA ARG A 148 6.45 -7.94 -13.39
C ARG A 148 6.53 -8.50 -11.97
N VAL A 149 6.50 -7.62 -10.97
CA VAL A 149 6.56 -8.07 -9.57
C VAL A 149 5.40 -9.01 -9.27
N ALA A 150 4.22 -8.67 -9.79
CA ALA A 150 3.03 -9.49 -9.58
C ALA A 150 3.20 -10.87 -10.20
N ASP A 151 3.78 -10.90 -11.40
CA ASP A 151 4.00 -12.18 -12.08
C ASP A 151 4.98 -13.04 -11.27
N ILE A 152 6.01 -12.40 -10.72
CA ILE A 152 6.99 -13.11 -9.93
C ILE A 152 6.35 -13.67 -8.66
N ALA A 153 5.48 -12.89 -8.03
CA ALA A 153 4.79 -13.33 -6.82
C ALA A 153 3.97 -14.57 -7.14
N GLU A 154 3.22 -14.52 -8.23
CA GLU A 154 2.40 -15.66 -8.64
C GLU A 154 3.26 -16.89 -8.88
N GLU A 155 4.38 -16.68 -9.56
CA GLU A 155 5.31 -17.76 -9.86
C GLU A 155 5.87 -18.40 -8.58
N MET A 156 6.08 -17.59 -7.55
CA MET A 156 6.62 -18.07 -6.29
C MET A 156 5.56 -18.57 -5.32
N GLY A 157 4.30 -18.48 -5.70
CA GLY A 157 3.23 -18.96 -4.85
C GLY A 157 2.66 -18.00 -3.83
N LEU A 158 2.90 -16.70 -4.00
CA LEU A 158 2.39 -15.70 -3.06
C LEU A 158 1.23 -14.94 -3.70
N LYS A 159 0.13 -14.81 -2.97
CA LYS A 159 -1.02 -14.08 -3.49
C LYS A 159 -0.59 -12.62 -3.63
N VAL A 160 -1.10 -11.95 -4.65
CA VAL A 160 -0.73 -10.56 -4.89
C VAL A 160 -1.94 -9.69 -5.25
N ALA A 161 -1.91 -8.44 -4.78
CA ALA A 161 -2.98 -7.50 -5.06
C ALA A 161 -2.43 -6.39 -5.93
N HIS A 162 -3.10 -6.14 -7.05
CA HIS A 162 -2.68 -5.10 -7.98
C HIS A 162 -3.14 -3.73 -7.51
N GLU A 163 -2.17 -2.86 -7.24
CA GLU A 163 -2.45 -1.52 -6.74
C GLU A 163 -2.40 -0.41 -7.79
N VAL A 164 -3.35 0.51 -7.70
CA VAL A 164 -3.43 1.64 -8.61
C VAL A 164 -3.43 2.95 -7.79
N PHE A 165 -3.08 4.05 -8.45
CA PHE A 165 -3.00 5.35 -7.81
C PHE A 165 -3.82 6.35 -8.61
N ALA A 166 -5.01 6.70 -8.10
CA ALA A 166 -5.90 7.62 -8.80
C ALA A 166 -5.43 9.07 -8.86
N ASP A 167 -4.54 9.48 -7.96
CA ASP A 167 -4.08 10.86 -7.96
C ASP A 167 -2.68 11.02 -8.55
N ARG A 168 -2.24 10.01 -9.29
CA ARG A 168 -0.93 10.03 -9.91
C ARG A 168 -1.01 9.84 -11.42
N ALA A 169 -0.18 10.56 -12.17
CA ALA A 169 -0.16 10.45 -13.62
C ALA A 169 0.59 9.18 -14.00
N TYR A 170 0.16 8.53 -15.07
CA TYR A 170 0.79 7.29 -15.53
C TYR A 170 1.57 7.42 -16.82
N ASN A 171 2.59 6.57 -16.96
CA ASN A 171 3.37 6.51 -18.19
C ASN A 171 2.66 5.42 -18.98
N PRO A 172 2.90 5.33 -20.31
CA PRO A 172 2.24 4.30 -21.10
C PRO A 172 2.54 2.87 -20.66
N ASP A 173 3.69 2.65 -20.04
CA ASP A 173 4.05 1.30 -19.61
C ASP A 173 3.44 0.85 -18.29
N GLY A 174 2.64 1.72 -17.66
CA GLY A 174 2.01 1.36 -16.41
C GLY A 174 2.72 1.86 -15.17
N THR A 175 3.90 2.44 -15.34
CA THR A 175 4.64 2.97 -14.21
C THR A 175 4.18 4.41 -13.99
N LEU A 176 4.41 4.94 -12.80
CA LEU A 176 4.00 6.30 -12.48
C LEU A 176 5.07 7.30 -12.86
N VAL A 177 4.63 8.50 -13.23
CA VAL A 177 5.58 9.55 -13.57
C VAL A 177 6.13 10.01 -12.22
N PRO A 178 7.45 10.21 -12.14
CA PRO A 178 8.05 10.65 -10.87
C PRO A 178 7.45 11.95 -10.32
N ALA A 184 3.50 14.27 -11.77
CA ALA A 184 2.28 15.04 -11.60
C ALA A 184 1.37 14.34 -10.60
N VAL A 185 0.77 15.12 -9.70
CA VAL A 185 -0.14 14.58 -8.69
C VAL A 185 -1.42 15.41 -8.68
N ILE A 186 -2.47 14.89 -9.31
CA ILE A 186 -3.76 15.55 -9.39
C ILE A 186 -4.16 15.99 -7.98
N GLU A 187 -4.67 17.22 -7.86
CA GLU A 187 -5.04 17.72 -6.54
C GLU A 187 -6.53 17.91 -6.26
N ASP A 188 -7.33 18.14 -7.30
CA ASP A 188 -8.76 18.32 -7.07
C ASP A 188 -9.48 16.98 -6.96
N LYS A 189 -10.27 16.84 -5.90
CA LYS A 189 -11.01 15.60 -5.64
C LYS A 189 -11.94 15.17 -6.76
N GLU A 190 -12.50 16.13 -7.49
CA GLU A 190 -13.41 15.80 -8.58
C GLU A 190 -12.68 15.01 -9.67
N GLU A 191 -11.50 15.51 -10.05
CA GLU A 191 -10.69 14.87 -11.08
C GLU A 191 -10.18 13.51 -10.61
N ILE A 192 -9.78 13.44 -9.34
CA ILE A 192 -9.28 12.19 -8.78
C ILE A 192 -10.42 11.17 -8.80
N ALA A 193 -11.62 11.64 -8.48
CA ALA A 193 -12.79 10.77 -8.47
C ALA A 193 -13.02 10.22 -9.87
N GLU A 194 -12.80 11.06 -10.88
CA GLU A 194 -12.98 10.67 -12.28
C GLU A 194 -12.06 9.48 -12.58
N ARG A 195 -10.80 9.63 -12.20
CA ARG A 195 -9.82 8.59 -12.43
C ARG A 195 -10.16 7.31 -11.70
N VAL A 196 -10.65 7.45 -10.47
CA VAL A 196 -11.04 6.27 -9.70
C VAL A 196 -12.12 5.49 -10.45
N ILE A 197 -13.10 6.21 -10.99
CA ILE A 197 -14.19 5.57 -11.72
C ILE A 197 -13.70 4.87 -12.98
N SER A 198 -12.82 5.54 -13.73
CA SER A 198 -12.27 4.94 -14.95
C SER A 198 -11.57 3.63 -14.63
N MET A 199 -10.76 3.65 -13.58
CA MET A 199 -10.01 2.46 -13.21
C MET A 199 -10.90 1.28 -12.84
N VAL A 200 -11.83 1.50 -11.92
CA VAL A 200 -12.72 0.43 -11.48
C VAL A 200 -13.73 0.03 -12.57
N LYS A 201 -14.34 1.02 -13.21
CA LYS A 201 -15.33 0.76 -14.27
C LYS A 201 -14.72 0.25 -15.58
N ASP A 202 -13.65 0.89 -16.04
CA ASP A 202 -13.06 0.52 -17.32
C ASP A 202 -11.76 -0.27 -17.32
N GLY A 203 -11.23 -0.57 -16.13
CA GLY A 203 -10.01 -1.33 -16.03
C GLY A 203 -8.82 -0.64 -16.68
N GLY A 204 -8.74 0.67 -16.53
CA GLY A 204 -7.63 1.39 -17.12
C GLY A 204 -7.73 2.90 -16.97
N ILE A 205 -6.77 3.59 -17.55
CA ILE A 205 -6.70 5.04 -17.48
C ILE A 205 -5.76 5.48 -18.62
N ARG A 206 -5.85 6.73 -19.05
CA ARG A 206 -4.96 7.19 -20.11
C ARG A 206 -3.68 7.74 -19.51
N ALA A 207 -2.55 7.41 -20.13
CA ALA A 207 -1.25 7.89 -19.67
C ALA A 207 -1.13 9.37 -20.02
N ILE A 208 -0.04 10.00 -19.58
CA ILE A 208 0.16 11.42 -19.83
C ILE A 208 0.18 11.78 -21.31
N ASN A 209 0.46 10.80 -22.16
CA ASN A 209 0.51 11.06 -23.61
C ASN A 209 -0.80 10.65 -24.28
N GLY A 210 -1.79 10.30 -23.46
CA GLY A 210 -3.09 9.91 -23.99
C GLY A 210 -3.28 8.44 -24.28
N GLU A 211 -2.20 7.66 -24.28
CA GLU A 211 -2.30 6.24 -24.56
C GLU A 211 -3.03 5.51 -23.44
N TRP A 212 -3.93 4.62 -23.80
CA TRP A 212 -4.68 3.86 -22.81
C TRP A 212 -3.77 2.86 -22.10
N VAL A 213 -3.90 2.79 -20.79
CA VAL A 213 -3.12 1.88 -19.97
C VAL A 213 -4.06 0.89 -19.28
N ASP A 214 -3.88 -0.41 -19.56
CA ASP A 214 -4.73 -1.42 -18.93
C ASP A 214 -4.27 -1.62 -17.49
N LEU A 215 -5.22 -1.63 -16.57
CA LEU A 215 -4.91 -1.80 -15.16
C LEU A 215 -5.81 -2.80 -14.46
N LYS A 216 -5.21 -3.66 -13.66
CA LYS A 216 -5.96 -4.61 -12.85
C LYS A 216 -6.17 -3.80 -11.57
N VAL A 217 -7.41 -3.73 -11.10
CA VAL A 217 -7.70 -2.93 -9.91
C VAL A 217 -8.20 -3.74 -8.72
N ASP A 218 -7.30 -3.98 -7.77
CA ASP A 218 -7.65 -4.71 -6.56
C ASP A 218 -7.67 -3.77 -5.37
N THR A 219 -6.72 -2.83 -5.35
CA THR A 219 -6.66 -1.88 -4.25
C THR A 219 -6.21 -0.51 -4.74
N ILE A 220 -6.77 0.52 -4.12
CA ILE A 220 -6.46 1.90 -4.47
C ILE A 220 -5.79 2.57 -3.29
N CYS A 221 -4.63 3.18 -3.52
CA CYS A 221 -3.91 3.85 -2.44
C CYS A 221 -4.50 5.24 -2.22
N VAL A 222 -4.95 5.49 -1.00
CA VAL A 222 -5.52 6.79 -0.66
C VAL A 222 -4.69 7.42 0.45
N HIS A 223 -4.90 8.70 0.72
CA HIS A 223 -4.11 9.41 1.71
C HIS A 223 -4.89 10.14 2.81
N GLY A 224 -4.18 10.47 3.89
CA GLY A 224 -4.80 11.18 5.00
C GLY A 224 -3.79 12.06 5.69
N ASP A 225 -2.91 12.66 4.92
CA ASP A 225 -1.84 13.53 5.42
C ASP A 225 -2.35 14.83 6.04
N ASN A 226 -3.49 15.31 5.56
CA ASN A 226 -4.09 16.55 6.03
C ASN A 226 -5.60 16.52 5.77
N PRO A 227 -6.36 17.48 6.36
CA PRO A 227 -7.82 17.53 6.17
C PRO A 227 -8.23 17.41 4.71
N LYS A 228 -7.47 18.06 3.84
CA LYS A 228 -7.72 18.06 2.40
C LYS A 228 -7.63 16.65 1.82
N ALA A 229 -6.59 15.92 2.20
CA ALA A 229 -6.40 14.56 1.71
C ALA A 229 -7.52 13.66 2.25
N VAL A 230 -7.89 13.86 3.51
CA VAL A 230 -8.95 13.06 4.13
C VAL A 230 -10.25 13.36 3.39
N GLU A 231 -10.40 14.61 2.98
CA GLU A 231 -11.58 15.06 2.24
C GLU A 231 -11.68 14.30 0.91
N ILE A 232 -10.57 14.24 0.20
CA ILE A 232 -10.51 13.53 -1.08
C ILE A 232 -10.80 12.05 -0.89
N THR A 233 -10.22 11.46 0.16
CA THR A 233 -10.43 10.05 0.45
C THR A 233 -11.89 9.76 0.74
N SER A 234 -12.54 10.65 1.48
CA SER A 234 -13.95 10.51 1.82
C SER A 234 -14.78 10.54 0.53
N TYR A 235 -14.42 11.46 -0.36
CA TYR A 235 -15.13 11.63 -1.62
C TYR A 235 -14.96 10.40 -2.50
N ILE A 236 -13.76 9.84 -2.52
CA ILE A 236 -13.49 8.64 -3.31
C ILE A 236 -14.40 7.53 -2.84
N ARG A 237 -14.53 7.38 -1.53
CA ARG A 237 -15.40 6.36 -0.96
C ARG A 237 -16.83 6.68 -1.40
N LYS A 238 -17.20 7.95 -1.28
CA LYS A 238 -18.52 8.43 -1.66
C LYS A 238 -18.89 8.01 -3.07
N VAL A 239 -18.07 8.40 -4.04
CA VAL A 239 -18.30 8.08 -5.44
C VAL A 239 -18.34 6.59 -5.72
N LEU A 240 -17.44 5.82 -5.12
CA LEU A 240 -17.40 4.39 -5.33
C LEU A 240 -18.71 3.75 -4.85
N GLU A 241 -19.23 4.24 -3.73
CA GLU A 241 -20.48 3.73 -3.17
C GLU A 241 -21.63 4.00 -4.14
N GLU A 242 -21.65 5.21 -4.70
CA GLU A 242 -22.70 5.59 -5.64
C GLU A 242 -22.65 4.78 -6.93
N GLU A 243 -21.46 4.30 -7.29
CA GLU A 243 -21.29 3.52 -8.50
C GLU A 243 -21.60 2.05 -8.27
N GLY A 244 -22.01 1.73 -7.04
CA GLY A 244 -22.33 0.36 -6.71
C GLY A 244 -21.12 -0.54 -6.51
N VAL A 245 -19.95 0.04 -6.30
CA VAL A 245 -18.75 -0.76 -6.09
C VAL A 245 -18.69 -1.24 -4.64
N LYS A 246 -18.40 -2.52 -4.46
CA LYS A 246 -18.29 -3.07 -3.12
C LYS A 246 -16.91 -2.74 -2.57
N ILE A 247 -16.87 -2.00 -1.47
CA ILE A 247 -15.61 -1.62 -0.84
C ILE A 247 -15.34 -2.60 0.28
N VAL A 248 -14.40 -3.51 0.04
CA VAL A 248 -14.05 -4.55 1.01
C VAL A 248 -12.55 -4.82 1.04
N PRO A 249 -12.05 -5.34 2.17
CA PRO A 249 -10.62 -5.64 2.32
C PRO A 249 -10.14 -6.72 1.38
N MET A 250 -8.89 -6.62 0.97
CA MET A 250 -8.25 -7.56 0.04
C MET A 250 -8.45 -9.04 0.36
N LYS A 251 -8.39 -9.39 1.64
CA LYS A 251 -8.51 -10.79 2.04
C LYS A 251 -9.81 -11.43 1.57
N GLU A 252 -10.83 -10.61 1.37
CA GLU A 252 -12.14 -11.11 0.94
C GLU A 252 -12.25 -11.48 -0.52
N PHE A 253 -11.30 -11.04 -1.36
CA PHE A 253 -11.40 -11.37 -2.78
C PHE A 253 -10.11 -11.75 -3.50
N ILE A 254 -8.95 -11.54 -2.87
CA ILE A 254 -7.69 -11.89 -3.51
C ILE A 254 -7.47 -13.39 -3.49
#